data_2MBR
#
_entry.id   2MBR
#
_cell.length_a   49.300
_cell.length_b   49.300
_cell.length_c   262.500
_cell.angle_alpha   90.00
_cell.angle_beta   90.00
_cell.angle_gamma   90.00
#
_symmetry.space_group_name_H-M   'P 43 21 2'
#
loop_
_entity.id
_entity.type
_entity.pdbx_description
1 polymer 'URIDINE DIPHOSPHO-N-ACETYLENOLPYRUVYLGLUCOSAMINE REDUCTASE'
2 non-polymer 'FLAVIN-ADENINE DINUCLEOTIDE'
3 non-polymer 'URIDINE-DIPHOSPHATE-2(N-ACETYLGLUCOSAMINYL) BUTYRIC ACID'
4 water water
#
_entity_poly.entity_id   1
_entity_poly.type   'polypeptide(L)'
_entity_poly.pdbx_seq_one_letter_code
;HSLKPWNTFGIDHNAQHIVCAEDEQQLLNAWQYATAEGQPVLILGEGSNVLFLEDYRGTVIINRIKGIEIHDEPDAWYLH
VGAGENWHRLVKYTLQEGMPGLENLALIPGCVGSSPIQNIGAYGVELQRVCAYVDSVELATGKQVRLTAKECRFGYRDSI
FKHEYQDRFAIVAVGLRLPKEWQPVLTYGDLTRLDPTTVTPQQVFNAVCHMRTTKLPDPKVNGNAGSFFKNPVVSAETAK
ALLSQFPTAPNYPQADGSVKLAAGWLIDQCQLKGMQIGGAAVHRQQALVLINEDNAKSEDVVQLAHHVRQKVGEKFNVWL
EPEVRFIGASGEVSAVETIS
;
_entity_poly.pdbx_strand_id   A
#
loop_
_chem_comp.id
_chem_comp.type
_chem_comp.name
_chem_comp.formula
EPU non-polymer 'URIDINE-DIPHOSPHATE-2(N-ACETYLGLUCOSAMINYL) BUTYRIC ACID' 'C20 H29 N3 O19 P2'
FAD non-polymer 'FLAVIN-ADENINE DINUCLEOTIDE' 'C27 H33 N9 O15 P2'
#
# COMPACT_ATOMS: atom_id res chain seq x y z
N HIS A 1 16.63 10.71 15.67
CA HIS A 1 16.55 9.30 16.00
C HIS A 1 15.15 8.67 15.94
N SER A 2 14.07 9.38 16.30
CA SER A 2 12.73 8.76 16.25
C SER A 2 12.08 8.61 14.88
N LEU A 3 11.52 7.42 14.64
CA LEU A 3 10.83 7.09 13.40
C LEU A 3 9.35 7.40 13.50
N LYS A 4 8.91 7.77 14.71
CA LYS A 4 7.49 8.03 14.91
C LYS A 4 6.82 8.94 13.89
N PRO A 5 7.48 10.06 13.51
CA PRO A 5 6.80 10.91 12.53
C PRO A 5 6.94 10.40 11.11
N TRP A 6 7.69 9.31 10.94
CA TRP A 6 7.93 8.75 9.61
C TRP A 6 7.15 7.48 9.23
N ASN A 7 6.21 7.07 10.07
CA ASN A 7 5.38 5.91 9.77
C ASN A 7 3.97 6.26 10.26
N THR A 8 2.99 6.08 9.39
CA THR A 8 1.60 6.41 9.76
C THR A 8 1.08 5.60 10.93
N PHE A 9 1.70 4.45 11.23
CA PHE A 9 1.24 3.64 12.35
C PHE A 9 1.57 4.37 13.66
N GLY A 10 2.52 5.30 13.61
CA GLY A 10 2.88 6.05 14.79
C GLY A 10 3.74 5.25 15.74
N ILE A 11 4.36 4.18 15.25
CA ILE A 11 5.23 3.37 16.08
C ILE A 11 6.46 4.17 16.44
N ASP A 12 6.84 4.11 17.71
CA ASP A 12 7.98 4.88 18.14
C ASP A 12 9.21 4.05 18.40
N HIS A 13 10.02 3.93 17.38
CA HIS A 13 11.29 3.25 17.47
C HIS A 13 12.25 4.27 16.95
N ASN A 14 13.54 3.97 17.04
CA ASN A 14 14.56 4.90 16.59
C ASN A 14 15.34 4.30 15.44
N ALA A 15 16.05 5.15 14.71
CA ALA A 15 16.89 4.72 13.60
C ALA A 15 18.21 5.44 13.88
N GLN A 16 19.32 4.89 13.37
CA GLN A 16 20.62 5.51 13.58
C GLN A 16 20.66 6.91 12.94
N HIS A 17 20.09 7.02 11.74
CA HIS A 17 19.98 8.29 11.01
C HIS A 17 18.71 8.26 10.19
N ILE A 18 18.14 9.42 9.95
CA ILE A 18 16.96 9.54 9.14
C ILE A 18 17.33 10.72 8.28
N VAL A 19 17.25 10.55 6.97
CA VAL A 19 17.64 11.61 6.06
C VAL A 19 16.60 11.82 4.95
N CYS A 20 16.25 13.07 4.67
CA CYS A 20 15.31 13.37 3.60
C CYS A 20 16.11 13.59 2.32
N ALA A 21 15.79 12.86 1.26
CA ALA A 21 16.46 13.00 -0.02
C ALA A 21 15.58 13.85 -0.93
N GLU A 22 15.96 15.11 -1.12
CA GLU A 22 15.20 16.04 -1.98
C GLU A 22 15.39 15.74 -3.46
N ASP A 23 16.45 15.00 -3.79
CA ASP A 23 16.71 14.61 -5.17
C ASP A 23 17.40 13.28 -5.18
N GLU A 24 17.61 12.74 -6.37
CA GLU A 24 18.22 11.43 -6.54
C GLU A 24 19.67 11.38 -6.06
N GLN A 25 20.41 12.44 -6.36
CA GLN A 25 21.82 12.54 -5.96
C GLN A 25 21.93 12.41 -4.44
N GLN A 26 21.02 13.07 -3.73
CA GLN A 26 20.98 13.02 -2.27
C GLN A 26 20.66 11.62 -1.75
N LEU A 27 19.71 10.95 -2.39
CA LEU A 27 19.31 9.60 -1.99
C LEU A 27 20.47 8.66 -2.20
N LEU A 28 21.12 8.78 -3.34
CA LEU A 28 22.27 7.94 -3.66
C LEU A 28 23.42 8.19 -2.68
N ASN A 29 23.74 9.45 -2.44
CA ASN A 29 24.81 9.80 -1.50
C ASN A 29 24.51 9.22 -0.13
N ALA A 30 23.29 9.46 0.35
CA ALA A 30 22.83 8.96 1.64
C ALA A 30 23.02 7.46 1.71
N TRP A 31 22.57 6.75 0.68
CA TRP A 31 22.70 5.30 0.62
C TRP A 31 24.17 4.87 0.62
N GLN A 32 25.00 5.57 -0.14
CA GLN A 32 26.43 5.25 -0.24
C GLN A 32 27.13 5.41 1.10
N TYR A 33 26.89 6.54 1.74
CA TYR A 33 27.49 6.84 3.02
C TYR A 33 27.10 5.78 4.04
N ALA A 34 25.80 5.53 4.19
CA ALA A 34 25.33 4.52 5.15
C ALA A 34 25.89 3.11 4.93
N THR A 35 25.85 2.61 3.71
CA THR A 35 26.35 1.28 3.43
C THR A 35 27.86 1.19 3.62
N ALA A 36 28.56 2.30 3.39
CA ALA A 36 30.01 2.33 3.60
C ALA A 36 30.28 2.15 5.11
N GLU A 37 29.38 2.69 5.93
CA GLU A 37 29.53 2.57 7.38
C GLU A 37 28.94 1.23 7.84
N GLY A 38 28.80 0.29 6.91
CA GLY A 38 28.26 -1.02 7.22
C GLY A 38 26.82 -1.09 7.70
N GLN A 39 26.12 0.04 7.53
CA GLN A 39 24.74 0.17 7.95
C GLN A 39 23.71 -0.19 6.89
N PRO A 40 22.55 -0.72 7.32
CA PRO A 40 21.50 -1.05 6.34
C PRO A 40 20.74 0.25 5.99
N VAL A 41 20.05 0.27 4.85
CA VAL A 41 19.32 1.46 4.41
C VAL A 41 17.88 1.14 4.04
N LEU A 42 16.96 1.99 4.45
CA LEU A 42 15.55 1.79 4.16
C LEU A 42 15.04 3.09 3.54
N ILE A 43 14.35 2.98 2.41
CA ILE A 43 13.80 4.16 1.75
C ILE A 43 12.32 4.18 2.12
N LEU A 44 11.80 5.33 2.48
CA LEU A 44 10.39 5.42 2.81
C LEU A 44 9.79 6.54 2.03
N GLY A 45 8.50 6.37 1.73
CA GLY A 45 7.75 7.42 1.07
C GLY A 45 7.10 8.07 2.28
N GLU A 46 5.92 7.59 2.65
CA GLU A 46 5.25 8.13 3.82
C GLU A 46 5.17 7.16 4.99
N GLY A 47 5.84 6.02 4.86
CA GLY A 47 5.78 5.01 5.90
C GLY A 47 4.34 4.62 6.22
N SER A 48 3.47 4.62 5.22
CA SER A 48 2.09 4.24 5.48
C SER A 48 1.83 2.76 5.24
N ASN A 49 2.90 1.99 5.00
CA ASN A 49 2.77 0.54 4.74
C ASN A 49 3.84 -0.26 5.48
N VAL A 50 4.41 0.33 6.52
CA VAL A 50 5.46 -0.36 7.27
C VAL A 50 5.18 -0.42 8.76
N LEU A 51 5.67 -1.48 9.40
CA LEU A 51 5.54 -1.67 10.83
C LEU A 51 6.96 -1.88 11.34
N PHE A 52 7.48 -0.90 12.06
CA PHE A 52 8.81 -1.04 12.60
C PHE A 52 8.70 -1.95 13.81
N LEU A 53 9.47 -3.04 13.80
CA LEU A 53 9.42 -4.01 14.87
C LEU A 53 10.34 -3.66 16.01
N GLU A 54 11.29 -2.77 15.76
CA GLU A 54 12.23 -2.40 16.80
C GLU A 54 13.13 -1.34 16.22
N ASP A 55 14.10 -0.87 16.99
CA ASP A 55 15.03 0.16 16.51
C ASP A 55 15.77 -0.34 15.30
N TYR A 56 15.86 0.52 14.30
CA TYR A 56 16.53 0.21 13.04
C TYR A 56 18.02 0.57 13.19
N ARG A 57 18.89 -0.40 12.93
CA ARG A 57 20.33 -0.22 13.09
C ARG A 57 21.04 0.52 11.97
N GLY A 58 20.27 1.09 11.05
CA GLY A 58 20.86 1.79 9.93
C GLY A 58 20.22 3.14 9.65
N THR A 59 20.27 3.51 8.37
CA THR A 59 19.75 4.78 7.88
C THR A 59 18.42 4.65 7.13
N VAL A 60 17.50 5.56 7.44
CA VAL A 60 16.19 5.61 6.80
C VAL A 60 16.17 6.87 5.97
N ILE A 61 16.01 6.69 4.66
CA ILE A 61 15.97 7.80 3.73
C ILE A 61 14.52 8.03 3.36
N ILE A 62 14.05 9.23 3.66
CA ILE A 62 12.70 9.68 3.35
C ILE A 62 12.78 10.23 1.92
N ASN A 63 12.13 9.55 0.99
CA ASN A 63 12.17 9.94 -0.41
C ASN A 63 11.24 11.13 -0.69
N ARG A 64 11.83 12.31 -0.93
CA ARG A 64 11.08 13.54 -1.20
C ARG A 64 11.47 14.13 -2.55
N ILE A 65 11.74 13.26 -3.53
CA ILE A 65 12.12 13.66 -4.89
C ILE A 65 10.82 14.12 -5.53
N LYS A 66 10.65 15.42 -5.68
CA LYS A 66 9.42 15.94 -6.23
C LYS A 66 9.49 16.56 -7.62
N GLY A 67 8.32 16.68 -8.24
CA GLY A 67 8.22 17.28 -9.54
C GLY A 67 7.27 16.45 -10.39
N ILE A 68 6.60 17.12 -11.32
CA ILE A 68 5.68 16.42 -12.21
C ILE A 68 5.88 17.01 -13.61
N GLU A 69 5.89 16.15 -14.61
CA GLU A 69 6.04 16.61 -15.98
C GLU A 69 4.92 15.97 -16.76
N ILE A 70 4.31 16.73 -17.65
CA ILE A 70 3.23 16.18 -18.44
C ILE A 70 3.69 16.21 -19.89
N HIS A 71 3.66 15.05 -20.52
CA HIS A 71 4.03 14.91 -21.92
C HIS A 71 2.72 14.53 -22.62
N ASP A 72 2.39 15.23 -23.69
CA ASP A 72 1.17 14.96 -24.41
C ASP A 72 1.34 14.07 -25.64
N GLU A 73 0.46 13.10 -25.75
CA GLU A 73 0.46 12.21 -26.89
C GLU A 73 -0.97 12.35 -27.39
N PRO A 74 -1.21 12.16 -28.70
CA PRO A 74 -2.56 12.28 -29.25
C PRO A 74 -3.64 11.48 -28.52
N ASP A 75 -3.26 10.33 -28.01
CA ASP A 75 -4.15 9.39 -27.32
C ASP A 75 -4.22 9.47 -25.79
N ALA A 76 -3.22 10.07 -25.15
CA ALA A 76 -3.19 10.12 -23.69
C ALA A 76 -2.19 11.09 -23.11
N TRP A 77 -2.31 11.29 -21.80
CA TRP A 77 -1.42 12.16 -21.06
C TRP A 77 -0.41 11.26 -20.37
N TYR A 78 0.86 11.61 -20.51
CA TYR A 78 1.92 10.84 -19.88
C TYR A 78 2.51 11.72 -18.78
N LEU A 79 2.47 11.21 -17.56
CA LEU A 79 2.98 11.93 -16.42
C LEU A 79 4.25 11.29 -15.92
N HIS A 80 5.27 12.10 -15.71
CA HIS A 80 6.52 11.61 -15.17
C HIS A 80 6.53 12.24 -13.79
N VAL A 81 6.17 11.45 -12.79
CA VAL A 81 6.03 11.94 -11.42
C VAL A 81 7.16 11.55 -10.47
N GLY A 82 7.71 12.54 -9.76
CA GLY A 82 8.78 12.28 -8.81
C GLY A 82 8.32 11.33 -7.73
N ALA A 83 9.18 10.41 -7.32
CA ALA A 83 8.85 9.41 -6.31
C ALA A 83 8.31 9.99 -5.02
N GLY A 84 8.76 11.20 -4.71
CA GLY A 84 8.37 11.88 -3.48
C GLY A 84 7.07 12.64 -3.50
N GLU A 85 6.39 12.68 -4.63
CA GLU A 85 5.11 13.37 -4.74
C GLU A 85 4.07 12.62 -3.91
N ASN A 86 3.16 13.35 -3.27
CA ASN A 86 2.12 12.72 -2.45
C ASN A 86 1.06 12.19 -3.41
N TRP A 87 0.73 10.92 -3.29
CA TRP A 87 -0.25 10.32 -4.18
C TRP A 87 -1.62 11.02 -4.24
N HIS A 88 -2.28 11.19 -3.11
CA HIS A 88 -3.60 11.83 -3.11
C HIS A 88 -3.56 13.20 -3.74
N ARG A 89 -2.51 13.95 -3.43
CA ARG A 89 -2.38 15.28 -3.98
C ARG A 89 -2.25 15.15 -5.50
N LEU A 90 -1.55 14.13 -5.96
CA LEU A 90 -1.39 13.95 -7.40
C LEU A 90 -2.76 13.68 -8.03
N VAL A 91 -3.54 12.80 -7.41
CA VAL A 91 -4.88 12.46 -7.91
C VAL A 91 -5.71 13.73 -8.01
N LYS A 92 -5.76 14.53 -6.95
CA LYS A 92 -6.52 15.77 -7.00
C LYS A 92 -5.97 16.68 -8.10
N TYR A 93 -4.65 16.70 -8.23
CA TYR A 93 -4.00 17.54 -9.22
C TYR A 93 -4.43 17.17 -10.62
N THR A 94 -4.32 15.89 -10.92
CA THR A 94 -4.67 15.37 -12.22
C THR A 94 -6.11 15.70 -12.56
N LEU A 95 -7.02 15.48 -11.61
CA LEU A 95 -8.42 15.80 -11.82
C LEU A 95 -8.59 17.30 -12.06
N GLN A 96 -7.92 18.11 -11.24
CA GLN A 96 -8.02 19.55 -11.37
C GLN A 96 -7.62 20.00 -12.77
N GLU A 97 -6.57 19.38 -13.29
CA GLU A 97 -6.05 19.72 -14.61
C GLU A 97 -6.82 19.07 -15.74
N GLY A 98 -7.93 18.41 -15.43
CA GLY A 98 -8.73 17.76 -16.45
C GLY A 98 -8.06 16.53 -17.07
N MET A 99 -7.36 15.76 -16.24
CA MET A 99 -6.67 14.54 -16.69
C MET A 99 -7.13 13.38 -15.80
N PRO A 100 -8.39 12.97 -15.94
CA PRO A 100 -8.96 11.86 -15.16
C PRO A 100 -8.38 10.51 -15.51
N GLY A 101 -8.59 9.56 -14.61
CA GLY A 101 -8.09 8.21 -14.77
C GLY A 101 -7.56 7.70 -13.43
N LEU A 102 -7.30 8.61 -12.49
CA LEU A 102 -6.78 8.23 -11.17
C LEU A 102 -7.80 8.33 -10.02
N GLU A 103 -9.00 8.79 -10.32
CA GLU A 103 -10.02 8.96 -9.28
C GLU A 103 -10.35 7.76 -8.37
N ASN A 104 -10.30 6.53 -8.90
CA ASN A 104 -10.61 5.35 -8.08
C ASN A 104 -9.54 5.13 -7.01
N LEU A 105 -8.37 5.71 -7.24
CA LEU A 105 -7.24 5.55 -6.32
C LEU A 105 -7.09 6.75 -5.41
N ALA A 106 -8.16 7.54 -5.33
CA ALA A 106 -8.19 8.71 -4.46
C ALA A 106 -8.06 8.35 -2.99
N LEU A 107 -7.41 9.26 -2.27
CA LEU A 107 -7.22 9.18 -0.83
C LEU A 107 -6.28 8.11 -0.31
N ILE A 108 -5.68 7.33 -1.21
CA ILE A 108 -4.75 6.29 -0.81
C ILE A 108 -3.48 7.01 -0.34
N PRO A 109 -3.06 6.80 0.91
CA PRO A 109 -1.86 7.47 1.44
C PRO A 109 -0.57 7.03 0.75
N GLY A 110 0.49 7.75 1.02
CA GLY A 110 1.78 7.39 0.47
C GLY A 110 2.28 8.24 -0.66
N CYS A 111 3.53 7.97 -1.04
CA CYS A 111 4.18 8.68 -2.13
C CYS A 111 3.99 7.91 -3.42
N VAL A 112 4.12 8.63 -4.54
CA VAL A 112 3.98 8.05 -5.87
C VAL A 112 5.06 6.97 -6.08
N GLY A 113 6.24 7.21 -5.55
CA GLY A 113 7.33 6.26 -5.70
C GLY A 113 7.01 4.89 -5.13
N SER A 114 6.15 4.87 -4.12
CA SER A 114 5.77 3.63 -3.46
C SER A 114 4.58 2.94 -4.12
N SER A 115 3.86 3.68 -4.96
CA SER A 115 2.68 3.15 -5.64
C SER A 115 2.84 1.87 -6.48
N PRO A 116 3.98 1.69 -7.18
CA PRO A 116 4.13 0.46 -7.97
C PRO A 116 4.49 -0.74 -7.11
N ILE A 117 5.20 -0.49 -6.01
CA ILE A 117 5.66 -1.54 -5.12
C ILE A 117 4.62 -2.58 -4.74
N GLN A 118 3.47 -2.13 -4.24
CA GLN A 118 2.41 -3.07 -3.92
C GLN A 118 1.22 -2.86 -4.82
N ASN A 119 1.48 -2.35 -6.03
CA ASN A 119 0.44 -2.13 -7.06
C ASN A 119 -0.85 -1.60 -6.44
N ILE A 120 -0.76 -0.39 -5.88
CA ILE A 120 -1.90 0.21 -5.21
C ILE A 120 -3.22 0.07 -5.95
N GLY A 121 -4.23 -0.38 -5.23
CA GLY A 121 -5.52 -0.57 -5.84
C GLY A 121 -6.64 -0.43 -4.85
N ALA A 122 -7.76 0.03 -5.37
CA ALA A 122 -8.98 0.21 -4.62
C ALA A 122 -10.04 0.57 -5.64
N TYR A 123 -11.26 0.20 -5.32
CA TYR A 123 -12.42 0.48 -6.13
C TYR A 123 -12.32 0.16 -7.60
N GLY A 124 -11.94 -1.08 -7.88
CA GLY A 124 -11.85 -1.56 -9.24
C GLY A 124 -10.62 -1.22 -10.06
N VAL A 125 -9.72 -0.42 -9.52
CA VAL A 125 -8.53 -0.05 -10.27
C VAL A 125 -7.27 -0.39 -9.49
N GLU A 126 -6.22 -0.72 -10.22
CA GLU A 126 -4.93 -0.99 -9.59
C GLU A 126 -3.98 -0.14 -10.41
N LEU A 127 -2.88 0.28 -9.81
CA LEU A 127 -1.92 1.13 -10.53
C LEU A 127 -1.47 0.54 -11.88
N GLN A 128 -1.38 -0.80 -11.96
CA GLN A 128 -0.98 -1.47 -13.20
C GLN A 128 -1.80 -0.98 -14.40
N ARG A 129 -3.01 -0.49 -14.12
CA ARG A 129 -3.90 0.00 -15.15
C ARG A 129 -3.43 1.27 -15.82
N VAL A 130 -2.82 2.16 -15.04
CA VAL A 130 -2.33 3.44 -15.57
C VAL A 130 -0.82 3.62 -15.50
N CYS A 131 -0.10 2.58 -15.09
CA CYS A 131 1.36 2.65 -15.02
C CYS A 131 1.98 2.36 -16.36
N ALA A 132 2.84 3.26 -16.82
CA ALA A 132 3.57 3.15 -18.09
C ALA A 132 4.95 2.58 -17.81
N TYR A 133 5.61 3.11 -16.80
CA TYR A 133 6.94 2.64 -16.42
C TYR A 133 7.27 3.15 -15.03
N VAL A 134 8.39 2.66 -14.50
CA VAL A 134 8.90 3.05 -13.20
C VAL A 134 10.41 3.21 -13.36
N ASP A 135 10.91 4.36 -12.94
CA ASP A 135 12.34 4.66 -13.03
C ASP A 135 12.97 4.54 -11.66
N SER A 136 14.08 3.82 -11.61
CA SER A 136 14.79 3.59 -10.38
C SER A 136 16.26 3.92 -10.59
N VAL A 137 16.99 3.93 -9.49
CA VAL A 137 18.44 4.13 -9.57
C VAL A 137 18.97 2.88 -8.88
N GLU A 138 19.84 2.13 -9.57
CA GLU A 138 20.40 0.96 -8.93
C GLU A 138 21.36 1.56 -7.91
N LEU A 139 20.94 1.50 -6.65
CA LEU A 139 21.68 2.06 -5.53
C LEU A 139 23.18 1.80 -5.50
N ALA A 140 23.58 0.55 -5.71
CA ALA A 140 24.99 0.16 -5.67
C ALA A 140 25.82 0.53 -6.87
N THR A 141 25.17 0.90 -7.97
CA THR A 141 25.90 1.24 -9.17
C THR A 141 25.63 2.64 -9.68
N GLY A 142 24.58 3.27 -9.16
CA GLY A 142 24.21 4.61 -9.59
C GLY A 142 23.43 4.60 -10.90
N LYS A 143 23.41 3.46 -11.57
CA LYS A 143 22.75 3.35 -12.86
C LYS A 143 21.24 3.46 -12.82
N GLN A 144 20.71 4.54 -13.39
CA GLN A 144 19.26 4.75 -13.48
C GLN A 144 18.74 3.64 -14.41
N VAL A 145 17.60 3.06 -14.07
CA VAL A 145 17.01 2.00 -14.88
C VAL A 145 15.50 2.24 -15.03
N ARG A 146 14.94 1.78 -16.14
CA ARG A 146 13.52 1.91 -16.39
C ARG A 146 12.92 0.53 -16.67
N LEU A 147 11.79 0.26 -16.01
CA LEU A 147 11.03 -0.97 -16.15
C LEU A 147 9.67 -0.54 -16.68
N THR A 148 9.24 -1.21 -17.74
CA THR A 148 7.93 -0.93 -18.32
C THR A 148 6.96 -1.52 -17.32
N ALA A 149 5.69 -1.18 -17.50
CA ALA A 149 4.67 -1.70 -16.60
C ALA A 149 4.74 -3.23 -16.61
N LYS A 150 4.94 -3.83 -17.79
CA LYS A 150 5.02 -5.29 -17.88
C LYS A 150 6.21 -5.86 -17.10
N GLU A 151 7.39 -5.25 -17.27
CA GLU A 151 8.57 -5.70 -16.56
C GLU A 151 8.45 -5.50 -15.04
N CYS A 152 7.43 -4.78 -14.60
CA CYS A 152 7.21 -4.58 -13.18
C CYS A 152 6.54 -5.80 -12.54
N ARG A 153 6.01 -6.69 -13.37
CA ARG A 153 5.36 -7.91 -12.88
C ARG A 153 4.35 -7.59 -11.78
N PHE A 154 3.43 -6.69 -12.09
CA PHE A 154 2.41 -6.29 -11.16
C PHE A 154 1.49 -7.46 -10.82
N GLY A 155 1.08 -7.51 -9.57
CA GLY A 155 0.17 -8.54 -9.09
C GLY A 155 -0.66 -7.93 -7.97
N TYR A 156 -1.52 -8.73 -7.36
CA TYR A 156 -2.35 -8.24 -6.26
C TYR A 156 -1.42 -7.95 -5.09
N ARG A 157 -1.23 -6.65 -4.83
CA ARG A 157 -0.37 -6.15 -3.77
C ARG A 157 1.03 -6.73 -3.97
N ASP A 158 1.45 -6.75 -5.22
CA ASP A 158 2.73 -7.33 -5.53
C ASP A 158 3.38 -6.72 -6.77
N SER A 159 4.71 -6.77 -6.81
CA SER A 159 5.48 -6.29 -7.94
C SER A 159 6.90 -6.77 -7.77
N ILE A 160 7.67 -6.64 -8.84
CA ILE A 160 9.06 -7.06 -8.85
C ILE A 160 9.87 -6.36 -7.76
N PHE A 161 9.40 -5.19 -7.33
CA PHE A 161 10.07 -4.40 -6.28
C PHE A 161 10.01 -5.04 -4.92
N LYS A 162 9.13 -6.02 -4.77
CA LYS A 162 9.00 -6.73 -3.50
C LYS A 162 9.82 -8.00 -3.58
N HIS A 163 10.50 -8.19 -4.71
CA HIS A 163 11.31 -9.38 -4.89
C HIS A 163 12.68 -9.05 -5.44
N GLU A 164 12.86 -9.38 -6.72
CA GLU A 164 14.12 -9.18 -7.41
C GLU A 164 14.71 -7.77 -7.27
N TYR A 165 13.88 -6.73 -7.42
CA TYR A 165 14.36 -5.34 -7.34
C TYR A 165 14.35 -4.67 -5.98
N GLN A 166 14.17 -5.43 -4.91
CA GLN A 166 14.13 -4.83 -3.58
C GLN A 166 15.54 -4.52 -3.06
N ASP A 167 15.73 -3.31 -2.55
CA ASP A 167 17.01 -2.88 -1.99
C ASP A 167 18.08 -2.54 -3.04
N ARG A 168 18.09 -3.26 -4.17
CA ARG A 168 19.05 -2.93 -5.21
C ARG A 168 18.65 -1.61 -5.83
N PHE A 169 17.34 -1.36 -5.90
CA PHE A 169 16.84 -0.14 -6.51
C PHE A 169 16.02 0.77 -5.62
N ALA A 170 16.10 2.07 -5.91
CA ALA A 170 15.32 3.08 -5.20
C ALA A 170 14.50 3.67 -6.32
N ILE A 171 13.18 3.66 -6.16
CA ILE A 171 12.32 4.21 -7.18
C ILE A 171 12.41 5.72 -7.08
N VAL A 172 12.70 6.37 -8.19
CA VAL A 172 12.84 7.82 -8.23
C VAL A 172 11.72 8.54 -8.97
N ALA A 173 11.06 7.85 -9.90
CA ALA A 173 9.98 8.48 -10.65
C ALA A 173 9.04 7.42 -11.19
N VAL A 174 7.78 7.77 -11.36
CA VAL A 174 6.78 6.84 -11.89
C VAL A 174 6.11 7.51 -13.08
N GLY A 175 5.96 6.76 -14.16
CA GLY A 175 5.33 7.29 -15.34
C GLY A 175 3.92 6.76 -15.42
N LEU A 176 2.95 7.64 -15.51
CA LEU A 176 1.55 7.23 -15.60
C LEU A 176 1.00 7.62 -16.97
N ARG A 177 0.11 6.79 -17.49
CA ARG A 177 -0.53 7.03 -18.77
C ARG A 177 -2.02 7.15 -18.51
N LEU A 178 -2.58 8.33 -18.78
CA LEU A 178 -4.01 8.55 -18.58
C LEU A 178 -4.61 8.81 -19.94
N PRO A 179 -5.46 7.88 -20.43
CA PRO A 179 -6.11 8.02 -21.74
C PRO A 179 -6.89 9.30 -21.78
N LYS A 180 -6.82 9.98 -22.92
CA LYS A 180 -7.55 11.21 -23.10
C LYS A 180 -9.05 10.90 -23.11
N GLU A 181 -9.40 9.74 -23.63
CA GLU A 181 -10.79 9.30 -23.69
C GLU A 181 -11.02 8.66 -22.32
N TRP A 182 -11.69 9.39 -21.44
CA TRP A 182 -11.91 8.86 -20.10
C TRP A 182 -13.00 7.80 -20.07
N GLN A 183 -12.81 6.78 -19.24
CA GLN A 183 -13.83 5.77 -19.12
C GLN A 183 -13.87 5.41 -17.64
N PRO A 184 -14.97 5.75 -16.96
CA PRO A 184 -15.12 5.46 -15.55
C PRO A 184 -15.16 3.99 -15.22
N VAL A 185 -14.58 3.66 -14.07
CA VAL A 185 -14.55 2.29 -13.56
C VAL A 185 -15.57 2.33 -12.43
N LEU A 186 -16.78 1.86 -12.74
CA LEU A 186 -17.90 1.87 -11.81
C LEU A 186 -18.37 0.47 -11.43
N THR A 187 -17.44 -0.46 -11.30
CA THR A 187 -17.77 -1.83 -10.98
C THR A 187 -17.77 -2.16 -9.48
N TYR A 188 -17.12 -1.32 -8.68
CA TYR A 188 -16.99 -1.58 -7.27
C TYR A 188 -17.99 -0.91 -6.33
N GLY A 189 -18.52 -1.69 -5.40
CA GLY A 189 -19.43 -1.18 -4.38
C GLY A 189 -20.43 -0.12 -4.80
N ASP A 190 -20.53 0.93 -4.00
CA ASP A 190 -21.47 2.04 -4.26
C ASP A 190 -21.27 2.66 -5.65
N LEU A 191 -20.14 2.38 -6.29
CA LEU A 191 -19.86 2.95 -7.60
C LEU A 191 -20.82 2.46 -8.65
N THR A 192 -21.40 1.28 -8.45
CA THR A 192 -22.35 0.71 -9.41
C THR A 192 -23.67 1.52 -9.49
N ARG A 193 -23.89 2.44 -8.55
CA ARG A 193 -25.10 3.25 -8.56
C ARG A 193 -24.97 4.44 -9.51
N LEU A 194 -23.74 4.68 -9.95
CA LEU A 194 -23.49 5.80 -10.83
C LEU A 194 -23.60 5.41 -12.28
N ASP A 195 -24.04 6.38 -13.07
CA ASP A 195 -24.22 6.19 -14.50
C ASP A 195 -22.98 6.59 -15.33
N PRO A 196 -22.39 5.62 -16.06
CA PRO A 196 -21.21 5.85 -16.90
C PRO A 196 -21.26 7.01 -17.91
N THR A 197 -22.47 7.46 -18.24
CA THR A 197 -22.65 8.55 -19.19
C THR A 197 -22.73 9.90 -18.48
N THR A 198 -23.53 9.94 -17.42
CA THR A 198 -23.74 11.15 -16.66
C THR A 198 -22.60 11.48 -15.72
N VAL A 199 -22.06 10.44 -15.07
CA VAL A 199 -21.00 10.61 -14.08
C VAL A 199 -19.74 11.35 -14.54
N THR A 200 -19.22 12.17 -13.63
CA THR A 200 -18.00 12.93 -13.88
C THR A 200 -16.87 12.32 -13.03
N PRO A 201 -15.60 12.58 -13.40
CA PRO A 201 -14.45 12.07 -12.66
C PRO A 201 -14.52 12.49 -11.20
N GLN A 202 -14.93 13.73 -10.99
CA GLN A 202 -15.05 14.28 -9.65
C GLN A 202 -16.12 13.53 -8.86
N GLN A 203 -17.20 13.15 -9.52
CA GLN A 203 -18.27 12.44 -8.84
C GLN A 203 -17.80 11.06 -8.42
N VAL A 204 -16.95 10.45 -9.22
CA VAL A 204 -16.42 9.14 -8.87
C VAL A 204 -15.47 9.37 -7.71
N PHE A 205 -14.72 10.46 -7.78
CA PHE A 205 -13.76 10.82 -6.75
C PHE A 205 -14.44 10.90 -5.40
N ASN A 206 -15.51 11.68 -5.33
CA ASN A 206 -16.30 11.86 -4.10
C ASN A 206 -16.93 10.54 -3.61
N ALA A 207 -17.42 9.73 -4.54
CA ALA A 207 -18.05 8.46 -4.20
C ALA A 207 -17.01 7.57 -3.54
N VAL A 208 -15.82 7.56 -4.14
CA VAL A 208 -14.73 6.78 -3.63
C VAL A 208 -14.32 7.28 -2.24
N CYS A 209 -14.11 8.57 -2.11
CA CYS A 209 -13.71 9.09 -0.82
C CYS A 209 -14.76 8.88 0.25
N HIS A 210 -16.02 8.95 -0.12
CA HIS A 210 -17.09 8.75 0.84
C HIS A 210 -16.98 7.35 1.43
N MET A 211 -16.85 6.34 0.58
CA MET A 211 -16.73 4.97 1.07
C MET A 211 -15.48 4.81 1.92
N ARG A 212 -14.40 5.48 1.52
CA ARG A 212 -13.14 5.39 2.26
C ARG A 212 -13.21 6.08 3.63
N THR A 213 -13.68 7.33 3.68
CA THR A 213 -13.75 8.04 4.94
C THR A 213 -14.77 7.44 5.90
N THR A 214 -15.68 6.61 5.41
CA THR A 214 -16.63 5.98 6.30
C THR A 214 -16.08 4.66 6.86
N LYS A 215 -15.10 4.09 6.18
CA LYS A 215 -14.55 2.81 6.63
C LYS A 215 -13.15 2.86 7.21
N LEU A 216 -12.29 3.67 6.60
CA LEU A 216 -10.90 3.74 7.00
C LEU A 216 -10.51 4.85 7.95
N PRO A 217 -9.65 4.52 8.91
CA PRO A 217 -9.23 5.54 9.85
C PRO A 217 -8.14 6.40 9.30
N ASP A 218 -8.20 7.68 9.66
CA ASP A 218 -7.22 8.64 9.24
C ASP A 218 -6.07 8.45 10.21
N PRO A 219 -4.85 8.35 9.69
CA PRO A 219 -3.68 8.17 10.57
C PRO A 219 -3.48 9.34 11.52
N LYS A 220 -3.96 10.54 11.14
CA LYS A 220 -3.82 11.72 12.00
C LYS A 220 -4.53 11.49 13.32
N VAL A 221 -5.59 10.70 13.25
CA VAL A 221 -6.39 10.38 14.41
C VAL A 221 -5.80 9.18 15.14
N ASN A 222 -5.78 8.04 14.46
CA ASN A 222 -5.21 6.80 15.00
C ASN A 222 -4.29 6.22 13.94
N GLY A 223 -3.04 6.01 14.30
CA GLY A 223 -2.10 5.48 13.36
C GLY A 223 -2.52 4.12 12.86
N ASN A 224 -2.28 3.87 11.58
CA ASN A 224 -2.60 2.58 10.98
C ASN A 224 -1.85 2.51 9.67
N ALA A 225 -1.82 1.33 9.08
CA ALA A 225 -1.15 1.10 7.80
C ALA A 225 -2.16 0.52 6.81
N GLY A 226 -3.42 0.89 7.00
CA GLY A 226 -4.48 0.40 6.12
C GLY A 226 -4.80 -1.06 6.38
N SER A 227 -5.22 -1.76 5.34
CA SER A 227 -5.54 -3.16 5.45
C SER A 227 -4.31 -3.84 5.98
N PHE A 228 -4.43 -4.50 7.11
CA PHE A 228 -3.28 -5.17 7.67
C PHE A 228 -2.92 -6.49 6.97
N PHE A 229 -3.93 -7.18 6.45
CA PHE A 229 -3.71 -8.44 5.75
C PHE A 229 -4.24 -8.35 4.32
N LYS A 230 -3.78 -9.27 3.48
CA LYS A 230 -4.26 -9.33 2.11
C LYS A 230 -5.52 -10.17 2.17
N ASN A 231 -6.39 -9.99 1.17
CA ASN A 231 -7.62 -10.80 1.06
C ASN A 231 -7.03 -12.11 0.54
N PRO A 232 -7.23 -13.23 1.25
CA PRO A 232 -6.67 -14.50 0.79
C PRO A 232 -7.32 -15.15 -0.42
N VAL A 233 -6.50 -15.81 -1.22
CA VAL A 233 -6.96 -16.53 -2.39
C VAL A 233 -6.87 -18.01 -2.00
N VAL A 234 -8.03 -18.65 -1.90
CA VAL A 234 -8.11 -20.06 -1.54
C VAL A 234 -8.46 -20.87 -2.78
N SER A 235 -8.15 -22.15 -2.77
CA SER A 235 -8.47 -23.01 -3.91
C SER A 235 -9.99 -23.10 -4.08
N ALA A 236 -10.46 -23.35 -5.30
CA ALA A 236 -11.90 -23.45 -5.59
C ALA A 236 -12.61 -24.41 -4.64
N GLU A 237 -11.89 -25.45 -4.19
CA GLU A 237 -12.41 -26.46 -3.27
C GLU A 237 -12.60 -25.92 -1.85
N THR A 238 -11.53 -25.32 -1.30
CA THR A 238 -11.59 -24.74 0.04
C THR A 238 -12.72 -23.69 0.04
N ALA A 239 -12.90 -23.01 -1.09
CA ALA A 239 -13.96 -22.02 -1.25
C ALA A 239 -15.30 -22.75 -1.27
N LYS A 240 -15.34 -23.93 -1.90
CA LYS A 240 -16.57 -24.73 -1.94
C LYS A 240 -16.94 -25.06 -0.51
N ALA A 241 -16.00 -25.72 0.17
CA ALA A 241 -16.16 -26.14 1.56
C ALA A 241 -16.53 -25.01 2.51
N LEU A 242 -15.97 -23.82 2.26
CA LEU A 242 -16.22 -22.66 3.12
C LEU A 242 -17.55 -21.95 2.87
N LEU A 243 -17.90 -21.72 1.61
CA LEU A 243 -19.15 -21.03 1.27
C LEU A 243 -20.41 -21.82 1.61
N SER A 244 -20.30 -23.14 1.67
CA SER A 244 -21.46 -23.96 2.03
C SER A 244 -21.89 -23.53 3.43
N GLN A 245 -21.01 -23.76 4.40
CA GLN A 245 -21.27 -23.40 5.82
C GLN A 245 -21.41 -21.90 6.10
N PHE A 246 -20.65 -21.09 5.36
CA PHE A 246 -20.68 -19.63 5.50
C PHE A 246 -21.09 -19.09 4.12
N PRO A 247 -22.38 -19.25 3.77
CA PRO A 247 -22.91 -18.78 2.47
C PRO A 247 -22.72 -17.32 2.12
N THR A 248 -22.99 -16.42 3.07
CA THR A 248 -22.86 -14.97 2.83
C THR A 248 -21.42 -14.41 2.76
N ALA A 249 -20.43 -15.29 2.71
CA ALA A 249 -19.03 -14.86 2.66
C ALA A 249 -18.74 -14.13 1.35
N PRO A 250 -18.33 -12.84 1.42
CA PRO A 250 -18.02 -12.11 0.20
C PRO A 250 -16.84 -12.85 -0.40
N ASN A 251 -16.87 -13.10 -1.70
CA ASN A 251 -15.78 -13.80 -2.33
C ASN A 251 -15.67 -13.28 -3.76
N TYR A 252 -14.47 -13.29 -4.29
CA TYR A 252 -14.23 -12.79 -5.61
C TYR A 252 -13.56 -13.90 -6.39
N PRO A 253 -14.33 -14.62 -7.20
CA PRO A 253 -13.88 -15.73 -8.05
C PRO A 253 -12.73 -15.26 -8.95
N GLN A 254 -11.65 -16.04 -8.94
CA GLN A 254 -10.43 -15.75 -9.70
C GLN A 254 -10.37 -16.33 -11.13
N ALA A 255 -9.41 -15.84 -11.91
CA ALA A 255 -9.17 -16.27 -13.29
C ALA A 255 -9.03 -17.78 -13.33
N ASP A 256 -7.92 -18.25 -12.78
CA ASP A 256 -7.59 -19.66 -12.70
C ASP A 256 -8.57 -20.52 -11.90
N GLY A 257 -9.79 -20.03 -11.65
CA GLY A 257 -10.75 -20.80 -10.87
C GLY A 257 -10.65 -20.65 -9.35
N SER A 258 -9.49 -20.27 -8.83
CA SER A 258 -9.32 -20.10 -7.37
C SER A 258 -10.26 -19.00 -6.88
N VAL A 259 -10.30 -18.75 -5.58
CA VAL A 259 -11.20 -17.72 -5.06
C VAL A 259 -10.68 -16.85 -3.90
N LYS A 260 -10.80 -15.54 -4.08
CA LYS A 260 -10.38 -14.57 -3.09
C LYS A 260 -11.52 -14.34 -2.14
N LEU A 261 -11.20 -14.30 -0.85
CA LEU A 261 -12.16 -14.06 0.20
C LEU A 261 -11.87 -12.68 0.77
N ALA A 262 -12.85 -12.07 1.40
CA ALA A 262 -12.69 -10.76 2.02
C ALA A 262 -12.18 -10.95 3.45
N ALA A 263 -10.89 -10.70 3.66
CA ALA A 263 -10.28 -10.85 4.98
C ALA A 263 -10.99 -10.06 6.09
N GLY A 264 -11.37 -8.81 5.81
CA GLY A 264 -12.06 -8.01 6.80
C GLY A 264 -13.31 -8.71 7.29
N TRP A 265 -13.99 -9.40 6.37
CA TRP A 265 -15.22 -10.13 6.72
C TRP A 265 -14.90 -11.31 7.62
N LEU A 266 -13.89 -12.08 7.25
CA LEU A 266 -13.49 -13.24 8.04
C LEU A 266 -13.13 -12.82 9.47
N ILE A 267 -12.45 -11.69 9.59
CA ILE A 267 -12.03 -11.17 10.90
C ILE A 267 -13.26 -10.74 11.68
N ASP A 268 -14.13 -10.01 11.01
CA ASP A 268 -15.39 -9.51 11.55
C ASP A 268 -16.22 -10.69 12.07
N GLN A 269 -16.29 -11.76 11.29
CA GLN A 269 -17.06 -12.94 11.66
C GLN A 269 -16.56 -13.61 12.91
N CYS A 270 -15.31 -13.29 13.27
CA CYS A 270 -14.71 -13.83 14.47
C CYS A 270 -15.02 -12.89 15.63
N GLN A 271 -15.91 -11.91 15.39
CA GLN A 271 -16.31 -10.90 16.39
C GLN A 271 -15.08 -10.16 16.92
N LEU A 272 -14.14 -9.86 16.03
CA LEU A 272 -12.91 -9.22 16.44
C LEU A 272 -12.92 -7.72 16.36
N LYS A 273 -13.98 -7.15 15.83
CA LYS A 273 -14.04 -5.69 15.74
C LYS A 273 -13.86 -5.09 17.12
N GLY A 274 -13.01 -4.08 17.23
CA GLY A 274 -12.80 -3.47 18.53
C GLY A 274 -11.83 -4.18 19.46
N MET A 275 -11.44 -5.40 19.11
CA MET A 275 -10.49 -6.11 19.96
C MET A 275 -9.17 -5.39 20.05
N GLN A 276 -8.65 -5.30 21.26
CA GLN A 276 -7.40 -4.62 21.44
C GLN A 276 -6.41 -5.39 22.27
N ILE A 277 -5.14 -5.20 21.92
CA ILE A 277 -4.02 -5.81 22.64
C ILE A 277 -3.11 -4.62 22.86
N GLY A 278 -2.82 -4.31 24.12
CA GLY A 278 -1.97 -3.16 24.40
C GLY A 278 -2.66 -1.92 23.81
N GLY A 279 -1.89 -1.06 23.13
CA GLY A 279 -2.47 0.12 22.53
C GLY A 279 -2.97 -0.06 21.10
N ALA A 280 -3.00 -1.29 20.62
CA ALA A 280 -3.43 -1.59 19.27
C ALA A 280 -4.82 -2.23 19.27
N ALA A 281 -5.59 -2.04 18.21
CA ALA A 281 -6.94 -2.62 18.12
C ALA A 281 -7.39 -2.86 16.70
N VAL A 282 -8.42 -3.71 16.58
CA VAL A 282 -9.07 -4.04 15.31
C VAL A 282 -10.13 -2.93 15.10
N HIS A 283 -9.94 -2.14 14.04
CA HIS A 283 -10.85 -1.02 13.72
C HIS A 283 -12.30 -1.46 13.62
N ARG A 284 -13.20 -0.76 14.31
CA ARG A 284 -14.60 -1.14 14.29
C ARG A 284 -15.36 -0.90 12.98
N GLN A 285 -14.83 -0.03 12.11
CA GLN A 285 -15.50 0.25 10.84
C GLN A 285 -14.98 -0.58 9.69
N GLN A 286 -13.87 -1.27 9.90
CA GLN A 286 -13.25 -2.10 8.88
C GLN A 286 -12.26 -2.97 9.64
N ALA A 287 -12.65 -4.19 9.97
CA ALA A 287 -11.83 -5.13 10.76
C ALA A 287 -10.50 -5.55 10.14
N LEU A 288 -10.34 -5.32 8.84
CA LEU A 288 -9.10 -5.66 8.21
C LEU A 288 -8.00 -4.66 8.65
N VAL A 289 -8.41 -3.52 9.20
CA VAL A 289 -7.45 -2.51 9.60
C VAL A 289 -7.08 -2.52 11.09
N LEU A 290 -5.78 -2.72 11.40
CA LEU A 290 -5.33 -2.63 12.80
C LEU A 290 -4.92 -1.17 13.03
N ILE A 291 -5.26 -0.61 14.19
CA ILE A 291 -4.96 0.79 14.46
C ILE A 291 -4.18 0.99 15.73
N ASN A 292 -3.49 2.12 15.82
CA ASN A 292 -2.71 2.48 16.99
C ASN A 292 -3.74 3.29 17.75
N GLU A 293 -4.44 2.64 18.66
CA GLU A 293 -5.48 3.32 19.38
C GLU A 293 -5.01 4.10 20.60
N ASP A 294 -3.92 3.68 21.21
CA ASP A 294 -3.43 4.37 22.38
C ASP A 294 -1.97 3.98 22.60
N ASN A 295 -1.07 4.82 22.11
CA ASN A 295 0.37 4.57 22.24
C ASN A 295 0.73 3.11 22.10
N ALA A 296 0.32 2.54 20.98
CA ALA A 296 0.59 1.16 20.68
C ALA A 296 2.10 0.94 20.52
N LYS A 297 2.56 -0.16 21.08
CA LYS A 297 3.97 -0.56 20.95
C LYS A 297 3.89 -1.48 19.73
N SER A 298 4.97 -1.60 18.99
CA SER A 298 4.98 -2.50 17.84
C SER A 298 4.58 -3.92 18.26
N GLU A 299 5.05 -4.37 19.42
CA GLU A 299 4.69 -5.71 19.91
C GLU A 299 3.17 -5.82 20.12
N ASP A 300 2.50 -4.71 20.42
CA ASP A 300 1.05 -4.77 20.58
C ASP A 300 0.45 -5.11 19.23
N VAL A 301 0.95 -4.46 18.19
CA VAL A 301 0.47 -4.68 16.84
C VAL A 301 0.76 -6.09 16.36
N VAL A 302 1.96 -6.62 16.67
CA VAL A 302 2.33 -7.98 16.26
C VAL A 302 1.45 -9.02 16.93
N GLN A 303 1.22 -8.89 18.23
CA GLN A 303 0.40 -9.85 18.91
C GLN A 303 -1.08 -9.78 18.53
N LEU A 304 -1.54 -8.58 18.19
CA LEU A 304 -2.93 -8.42 17.78
C LEU A 304 -3.09 -9.11 16.43
N ALA A 305 -2.10 -8.94 15.57
CA ALA A 305 -2.11 -9.55 14.25
C ALA A 305 -2.11 -11.06 14.40
N HIS A 306 -1.28 -11.53 15.31
CA HIS A 306 -1.16 -12.96 15.58
C HIS A 306 -2.53 -13.50 16.02
N HIS A 307 -3.17 -12.84 16.98
CA HIS A 307 -4.47 -13.26 17.50
C HIS A 307 -5.50 -13.29 16.35
N VAL A 308 -5.58 -12.19 15.62
CA VAL A 308 -6.51 -12.09 14.50
C VAL A 308 -6.26 -13.22 13.52
N ARG A 309 -5.00 -13.41 13.17
CA ARG A 309 -4.65 -14.46 12.24
C ARG A 309 -5.04 -15.83 12.77
N GLN A 310 -4.75 -16.08 14.05
CA GLN A 310 -5.08 -17.39 14.65
C GLN A 310 -6.57 -17.67 14.69
N LYS A 311 -7.34 -16.69 15.14
CA LYS A 311 -8.77 -16.87 15.26
C LYS A 311 -9.35 -17.16 13.89
N VAL A 312 -8.96 -16.38 12.89
CA VAL A 312 -9.45 -16.58 11.54
C VAL A 312 -8.98 -17.96 11.01
N GLY A 313 -7.78 -18.38 11.41
CA GLY A 313 -7.30 -19.68 11.00
C GLY A 313 -8.07 -20.87 11.61
N GLU A 314 -8.43 -20.75 12.89
CA GLU A 314 -9.17 -21.81 13.60
C GLU A 314 -10.61 -21.94 13.11
N LYS A 315 -11.24 -20.79 12.86
CA LYS A 315 -12.62 -20.76 12.41
C LYS A 315 -12.83 -21.09 10.95
N PHE A 316 -12.04 -20.52 10.07
CA PHE A 316 -12.23 -20.74 8.64
C PHE A 316 -11.16 -21.57 7.98
N ASN A 317 -10.11 -21.89 8.74
CA ASN A 317 -8.96 -22.63 8.23
C ASN A 317 -8.42 -21.86 7.00
N VAL A 318 -8.43 -20.53 7.12
CA VAL A 318 -7.92 -19.62 6.10
C VAL A 318 -6.86 -18.81 6.85
N TRP A 319 -5.65 -18.84 6.35
CA TRP A 319 -4.53 -18.18 6.99
C TRP A 319 -4.11 -16.87 6.36
N LEU A 320 -4.36 -15.79 7.09
CA LEU A 320 -4.08 -14.44 6.63
C LEU A 320 -2.60 -14.04 6.54
N GLU A 321 -2.25 -13.37 5.46
CA GLU A 321 -0.89 -12.92 5.23
C GLU A 321 -0.88 -11.42 5.28
N PRO A 322 -0.02 -10.85 6.13
CA PRO A 322 0.07 -9.40 6.26
C PRO A 322 0.46 -8.74 4.95
N GLU A 323 -0.12 -7.57 4.73
CA GLU A 323 0.15 -6.75 3.56
C GLU A 323 1.12 -5.65 3.99
N VAL A 324 1.26 -5.45 5.30
CA VAL A 324 2.16 -4.42 5.83
C VAL A 324 3.58 -4.97 5.86
N ARG A 325 4.56 -4.14 5.54
CA ARG A 325 5.95 -4.55 5.53
C ARG A 325 6.49 -4.45 6.97
N PHE A 326 6.99 -5.56 7.52
CA PHE A 326 7.52 -5.57 8.90
C PHE A 326 9.01 -5.32 8.83
N ILE A 327 9.46 -4.22 9.42
CA ILE A 327 10.87 -3.87 9.39
C ILE A 327 11.58 -4.24 10.68
N GLY A 328 12.47 -5.23 10.58
CA GLY A 328 13.26 -5.66 11.72
C GLY A 328 14.41 -4.68 11.88
N ALA A 329 15.31 -4.95 12.82
CA ALA A 329 16.45 -4.07 13.06
C ALA A 329 17.41 -3.92 11.88
N SER A 330 17.53 -4.95 11.05
CA SER A 330 18.46 -4.87 9.93
C SER A 330 17.77 -4.84 8.58
N GLY A 331 16.45 -4.71 8.60
CA GLY A 331 15.70 -4.66 7.36
C GLY A 331 14.40 -5.42 7.48
N GLU A 332 13.66 -5.52 6.38
CA GLU A 332 12.38 -6.23 6.38
C GLU A 332 12.53 -7.70 6.73
N VAL A 333 11.58 -8.19 7.53
CA VAL A 333 11.55 -9.59 7.95
C VAL A 333 10.22 -10.20 7.48
N SER A 334 10.07 -11.51 7.62
CA SER A 334 8.82 -12.17 7.23
C SER A 334 7.69 -11.83 8.21
N ALA A 335 6.69 -11.09 7.72
CA ALA A 335 5.54 -10.68 8.53
C ALA A 335 4.76 -11.89 9.08
N VAL A 336 4.41 -12.82 8.19
CA VAL A 336 3.68 -14.04 8.55
C VAL A 336 4.49 -14.74 9.62
N GLU A 337 5.77 -14.91 9.35
CA GLU A 337 6.65 -15.56 10.30
C GLU A 337 6.63 -14.83 11.65
N THR A 338 6.68 -13.49 11.60
CA THR A 338 6.65 -12.68 12.80
C THR A 338 5.34 -12.85 13.57
N ILE A 339 4.22 -13.00 12.87
CA ILE A 339 2.96 -13.14 13.57
C ILE A 339 2.46 -14.56 13.73
N SER A 340 3.34 -15.53 13.47
CA SER A 340 3.02 -16.95 13.60
C SER A 340 3.07 -17.42 15.05
PA FAD B . 6.20 3.29 2.63
O1A FAD B . 7.04 4.47 2.99
O2A FAD B . 5.31 2.74 3.72
O5B FAD B . 7.14 2.16 2.02
C5B FAD B . 6.55 0.99 1.45
C4B FAD B . 7.61 -0.05 1.11
O4B FAD B . 8.26 0.36 -0.15
C3B FAD B . 8.74 -0.20 2.07
O3B FAD B . 9.26 -1.55 1.92
C2B FAD B . 9.75 0.86 1.59
O2B FAD B . 11.09 0.60 1.96
C1B FAD B . 9.61 0.83 0.08
N9A FAD B . 9.71 2.09 -0.65
C8A FAD B . 8.98 3.14 -0.21
N7A FAD B . 9.38 4.17 -1.15
C5A FAD B . 10.43 3.59 -2.01
C6A FAD B . 11.33 3.97 -3.13
N6A FAD B . 11.31 5.20 -3.68
N1A FAD B . 12.20 3.05 -3.62
C2A FAD B . 12.24 1.83 -3.05
N3A FAD B . 11.50 1.37 -2.10
C4A FAD B . 10.61 2.32 -1.63
N1 FAD B . -2.96 0.50 -0.40
C2 FAD B . -3.67 0.12 -1.51
O2 FAD B . -3.19 -0.52 -2.37
N3 FAD B . -4.97 0.47 -1.61
C4 FAD B . -5.61 1.22 -0.70
O4 FAD B . -6.79 1.56 -0.80
C4X FAD B . -4.85 1.64 0.53
N5 FAD B . -5.44 2.37 1.53
C5X FAD B . -4.75 2.73 2.65
C6 FAD B . -5.38 3.47 3.66
C7 FAD B . -4.65 3.86 4.79
C7M FAD B . -5.37 4.62 5.86
C8 FAD B . -3.29 3.54 4.89
C8M FAD B . -2.62 4.09 6.13
C9 FAD B . -2.69 2.79 3.88
C9A FAD B . -3.42 2.36 2.74
N10 FAD B . -2.84 1.59 1.71
C10 FAD B . -3.48 1.22 0.58
C1' FAD B . -1.43 1.12 1.78
C2' FAD B . -0.40 2.21 1.44
O2' FAD B . -0.98 3.46 1.21
C3' FAD B . 0.47 1.75 0.25
O3' FAD B . 1.23 0.60 0.53
C4' FAD B . 1.39 2.87 -0.28
O4' FAD B . 1.88 2.57 -1.57
C5' FAD B . 2.53 3.18 0.69
O5' FAD B . 3.16 4.39 0.25
P FAD B . 4.32 4.87 1.14
O1P FAD B . 5.01 6.00 0.38
O2P FAD B . 3.74 5.33 2.46
O3P FAD B . 5.36 3.66 1.40
N1U EPU C . -16.21 -6.53 5.42
C2U EPU C . -16.97 -6.96 6.50
N3U EPU C . -16.54 -6.58 7.72
C4U EPU C . -15.47 -5.85 7.96
C5U EPU C . -14.61 -5.41 6.84
C6U EPU C . -14.98 -5.74 5.57
O2U EPU C . -17.96 -7.64 6.36
O4U EPU C . -15.16 -5.53 9.09
C1D EPU C . -16.66 -6.91 4.07
C2D EPU C . -17.33 -5.80 3.24
O2D EPU C . -18.59 -5.45 3.56
C3D EPU C . -17.09 -6.28 1.88
C4D EPU C . -15.81 -7.11 1.98
O4D EPU C . -15.54 -7.26 3.35
O3D EPU C . -18.28 -6.85 1.31
C5D EPU C . -14.69 -6.19 1.35
O5D EPU C . -14.80 -4.88 2.00
PA EPU C . -13.99 -3.74 1.42
O1A EPU C . -14.94 -3.32 0.32
O2A EPU C . -14.03 -2.72 2.53
O3A EPU C . -12.59 -3.85 0.84
PB EPU C . -11.54 -4.85 1.45
O1B EPU C . -11.37 -6.05 0.55
O2B EPU C . -11.79 -5.20 2.90
C1 EPU C . -9.69 -3.83 0.14
C2 EPU C . -8.33 -3.17 0.16
C3 EPU C . -8.39 -1.72 0.57
C4 EPU C . -9.32 -1.12 -0.55
C5 EPU C . -10.72 -1.76 -0.57
C6 EPU C . -11.62 -1.26 -1.73
C7 EPU C . -6.86 -5.32 0.09
C8 EPU C . -5.99 -5.92 1.22
N2 EPU C . -7.45 -4.24 0.54
O1 EPU C . -10.29 -3.95 1.38
O3 EPU C . -7.08 -1.35 0.54
O4 EPU C . -9.46 0.27 -0.38
O5 EPU C . -10.48 -3.16 -0.80
O6 EPU C . -11.08 -1.40 -3.01
O7 EPU C . -6.95 -5.82 -0.96
C1E EPU C . -5.14 -1.20 1.80
O1E EPU C . -4.45 -0.76 2.79
O2E EPU C . -4.62 -1.98 0.95
C2E EPU C . -6.56 -0.80 1.64
C3E EPU C . -7.25 0.01 2.49
#